data_5FQR
#
_entry.id   5FQR
#
_cell.length_a   58.100
_cell.length_b   58.100
_cell.length_c   274.380
_cell.angle_alpha   90.00
_cell.angle_beta   90.00
_cell.angle_gamma   120.00
#
_symmetry.space_group_name_H-M   'P 65 2 2'
#
loop_
_entity.id
_entity.type
_entity.pdbx_description
1 polymer 'ESTROGEN RECEPTOR'
2 non-polymer '(E)-3-[4-[(1R)-6-HYDROXY-2-ISOBUTYL-3,4-DIHYDRO-1H-ISOQUINOLIN-1-YL]PHENYL]PROP-2-ENOIC ACID'
3 water water
#
_entity_poly.entity_id   1
_entity_poly.type   'polypeptide(L)'
_entity_poly.pdbx_seq_one_letter_code
;ALSLTADQMVSALLDAEPPILYSEYDPTRPFSEASMMGLLTNLADRELVHMINWAKRVPGFVDLTLHDQVHLLESAWLEI
LMIGLVWRSMEHPGKLLFAPNLLLDRNQGKSVEGMVEIFDMLLATSSRFRMMNLQGEEFVCLKSIILLNSGVYTFLSSTL
KSLEEKDHIHRVLDKITDTLIHLMAKAGLTLQQQHQRLAQLLLILSHIRHMSNKGMEHLYSMKSKNVVPSYDLLLEMLDA
HRLHAPTS
;
_entity_poly.pdbx_strand_id   A
#
loop_
_chem_comp.id
_chem_comp.type
_chem_comp.name
_chem_comp.formula
QHG non-polymer '(E)-3-[4-[(1R)-6-HYDROXY-2-ISOBUTYL-3,4-DIHYDRO-1H-ISOQUINOLIN-1-YL]PHENYL]PROP-2-ENOIC ACID' 'C22 H25 N O3'
#
# COMPACT_ATOMS: atom_id res chain seq x y z
N ALA A 1 -15.07 -15.13 1.71
CA ALA A 1 -13.76 -14.49 2.06
C ALA A 1 -13.05 -15.20 3.20
N LEU A 2 -13.78 -15.49 4.28
CA LEU A 2 -13.23 -16.24 5.41
C LEU A 2 -13.19 -17.75 5.14
N SER A 3 -13.84 -18.19 4.06
CA SER A 3 -13.79 -19.59 3.64
C SER A 3 -12.70 -19.87 2.60
N LEU A 4 -12.01 -18.81 2.16
CA LEU A 4 -10.92 -18.96 1.18
C LEU A 4 -9.73 -19.72 1.78
N THR A 5 -9.11 -20.56 0.95
CA THR A 5 -7.86 -21.21 1.32
C THR A 5 -6.72 -20.19 1.14
N ALA A 6 -5.54 -20.51 1.67
CA ALA A 6 -4.37 -19.65 1.49
C ALA A 6 -4.05 -19.44 0.01
N ASP A 7 -4.03 -20.52 -0.76
CA ASP A 7 -3.77 -20.44 -2.21
C ASP A 7 -4.79 -19.55 -2.92
N GLN A 8 -6.05 -19.69 -2.55
CA GLN A 8 -7.14 -18.88 -3.11
C GLN A 8 -7.00 -17.40 -2.73
N MET A 9 -6.59 -17.13 -1.50
CA MET A 9 -6.36 -15.76 -1.05
C MET A 9 -5.26 -15.10 -1.91
N VAL A 10 -4.13 -15.79 -2.04
CA VAL A 10 -3.01 -15.29 -2.84
C VAL A 10 -3.43 -15.00 -4.27
N SER A 11 -4.07 -15.98 -4.91
CA SER A 11 -4.58 -15.81 -6.27
C SER A 11 -5.52 -14.62 -6.38
N ALA A 12 -6.43 -14.49 -5.43
CA ALA A 12 -7.38 -13.37 -5.46
C ALA A 12 -6.64 -12.02 -5.41
N LEU A 13 -5.65 -11.91 -4.54
CA LEU A 13 -4.87 -10.68 -4.40
C LEU A 13 -3.99 -10.38 -5.62
N LEU A 14 -3.34 -11.40 -6.17
CA LEU A 14 -2.53 -11.22 -7.39
C LEU A 14 -3.41 -10.76 -8.56
N ASP A 15 -4.59 -11.35 -8.69
CA ASP A 15 -5.55 -11.00 -9.73
C ASP A 15 -6.07 -9.57 -9.57
N ALA A 16 -6.13 -9.10 -8.33
CA ALA A 16 -6.69 -7.78 -8.04
C ALA A 16 -5.70 -6.64 -8.28
N GLU A 17 -4.44 -6.97 -8.55
CA GLU A 17 -3.38 -5.97 -8.66
C GLU A 17 -3.69 -4.88 -9.69
N PRO A 18 -3.52 -3.60 -9.30
CA PRO A 18 -3.78 -2.53 -10.25
C PRO A 18 -2.63 -2.41 -11.24
N PRO A 19 -2.85 -1.69 -12.35
CA PRO A 19 -1.77 -1.52 -13.30
C PRO A 19 -0.74 -0.50 -12.84
N ILE A 20 0.42 -0.53 -13.48
CA ILE A 20 1.44 0.49 -13.28
C ILE A 20 1.14 1.62 -14.25
N LEU A 21 0.86 2.81 -13.73
CA LEU A 21 0.54 3.96 -14.57
C LEU A 21 1.80 4.76 -14.95
N TYR A 22 1.64 5.57 -15.99
CA TYR A 22 2.69 6.44 -16.50
C TYR A 22 2.42 7.87 -16.07
N SER A 23 3.50 8.66 -15.94
CA SER A 23 3.37 10.09 -15.70
C SER A 23 2.93 10.76 -16.99
N GLU A 24 2.11 11.79 -16.86
CA GLU A 24 1.62 12.56 -18.01
C GLU A 24 2.48 13.80 -18.22
N TYR A 25 3.43 13.69 -19.13
CA TYR A 25 4.20 14.85 -19.56
C TYR A 25 4.68 14.59 -20.97
N ASP A 26 4.95 15.67 -21.68
CA ASP A 26 5.47 15.57 -23.03
C ASP A 26 6.94 15.17 -22.96
N PRO A 27 7.28 13.95 -23.40
CA PRO A 27 8.68 13.50 -23.30
C PRO A 27 9.60 14.14 -24.33
N THR A 28 9.01 14.80 -25.32
CA THR A 28 9.77 15.58 -26.30
C THR A 28 10.09 16.98 -25.76
N ARG A 29 9.46 17.37 -24.65
CA ARG A 29 9.65 18.69 -24.06
C ARG A 29 10.73 18.66 -22.95
N PRO A 30 11.33 19.82 -22.63
CA PRO A 30 12.37 19.87 -21.60
C PRO A 30 11.84 19.51 -20.21
N PHE A 31 12.66 18.83 -19.40
CA PHE A 31 12.25 18.45 -18.04
C PHE A 31 12.30 19.64 -17.10
N SER A 35 6.58 20.63 -13.57
CA SER A 35 6.83 20.74 -12.13
C SER A 35 6.69 19.37 -11.48
N MET A 36 7.67 19.00 -10.66
CA MET A 36 7.70 17.67 -10.06
C MET A 36 6.44 17.37 -9.26
N MET A 37 6.04 18.29 -8.39
CA MET A 37 4.87 18.06 -7.53
C MET A 37 3.60 17.93 -8.35
N GLY A 38 3.50 18.69 -9.43
CA GLY A 38 2.38 18.58 -10.36
C GLY A 38 2.33 17.21 -11.00
N LEU A 39 3.47 16.73 -11.46
CA LEU A 39 3.56 15.39 -12.06
C LEU A 39 3.19 14.30 -11.04
N LEU A 40 3.71 14.42 -9.83
CA LEU A 40 3.46 13.42 -8.80
C LEU A 40 1.99 13.44 -8.34
N THR A 41 1.42 14.64 -8.24
CA THR A 41 0.01 14.81 -7.87
C THR A 41 -0.93 14.22 -8.91
N ASN A 42 -0.67 14.49 -10.19
CA ASN A 42 -1.50 13.96 -11.26
C ASN A 42 -1.43 12.43 -11.32
N LEU A 43 -0.25 11.89 -11.11
CA LEU A 43 -0.06 10.44 -11.04
C LEU A 43 -0.86 9.85 -9.87
N ALA A 44 -0.70 10.44 -8.68
CA ALA A 44 -1.43 9.98 -7.51
C ALA A 44 -2.95 10.06 -7.72
N ASP A 45 -3.43 11.15 -8.32
CA ASP A 45 -4.85 11.30 -8.69
C ASP A 45 -5.38 10.11 -9.51
N ARG A 46 -4.64 9.73 -10.54
CA ARG A 46 -5.06 8.65 -11.43
C ARG A 46 -4.94 7.27 -10.78
N GLU A 47 -3.92 7.08 -9.95
CA GLU A 47 -3.74 5.83 -9.20
C GLU A 47 -4.86 5.57 -8.20
N LEU A 48 -5.40 6.64 -7.62
CA LEU A 48 -6.47 6.51 -6.63
C LEU A 48 -7.68 5.79 -7.20
N VAL A 49 -8.06 6.10 -8.44
CA VAL A 49 -9.20 5.46 -9.08
C VAL A 49 -8.99 3.94 -9.15
N HIS A 50 -7.79 3.53 -9.57
CA HIS A 50 -7.46 2.12 -9.67
C HIS A 50 -7.36 1.46 -8.29
N MET A 51 -6.95 2.24 -7.30
CA MET A 51 -6.88 1.75 -5.92
C MET A 51 -8.26 1.40 -5.39
N ILE A 52 -9.27 2.23 -5.72
CA ILE A 52 -10.65 1.95 -5.33
C ILE A 52 -11.09 0.61 -5.90
N ASN A 53 -10.82 0.38 -7.18
N ASN A 53 -10.81 0.38 -7.18
CA ASN A 53 -11.15 -0.89 -7.82
CA ASN A 53 -11.16 -0.87 -7.84
C ASN A 53 -10.45 -2.07 -7.17
C ASN A 53 -10.43 -2.07 -7.25
N TRP A 54 -9.16 -1.88 -6.91
CA TRP A 54 -8.35 -2.90 -6.26
C TRP A 54 -8.94 -3.25 -4.89
N ALA A 55 -9.23 -2.21 -4.11
CA ALA A 55 -9.77 -2.36 -2.75
C ALA A 55 -11.06 -3.19 -2.75
N LYS A 56 -11.94 -2.90 -3.70
CA LYS A 56 -13.21 -3.65 -3.84
C LYS A 56 -12.98 -5.13 -4.18
N ARG A 57 -11.78 -5.47 -4.66
CA ARG A 57 -11.44 -6.84 -4.99
C ARG A 57 -10.64 -7.57 -3.91
N VAL A 58 -10.27 -6.85 -2.85
CA VAL A 58 -9.61 -7.47 -1.70
C VAL A 58 -10.69 -8.24 -0.95
N PRO A 59 -10.54 -9.57 -0.78
CA PRO A 59 -11.58 -10.37 -0.14
C PRO A 59 -11.98 -9.81 1.23
N GLY A 60 -13.29 -9.70 1.45
CA GLY A 60 -13.82 -9.18 2.70
C GLY A 60 -14.13 -7.70 2.68
N PHE A 61 -13.47 -6.94 1.80
CA PHE A 61 -13.59 -5.49 1.84
C PHE A 61 -14.99 -5.00 1.50
N VAL A 62 -15.61 -5.57 0.46
CA VAL A 62 -16.96 -5.16 0.06
C VAL A 62 -18.06 -5.69 0.98
N ASP A 63 -17.69 -6.56 1.92
CA ASP A 63 -18.63 -7.02 2.95
C ASP A 63 -18.89 -5.94 3.98
N LEU A 64 -17.98 -4.97 4.08
CA LEU A 64 -18.11 -3.86 5.02
C LEU A 64 -19.11 -2.85 4.52
N THR A 65 -19.55 -1.98 5.42
CA THR A 65 -20.43 -0.88 5.04
C THR A 65 -19.66 0.09 4.16
N LEU A 66 -20.38 0.81 3.30
CA LEU A 66 -19.77 1.87 2.51
C LEU A 66 -18.98 2.84 3.39
N HIS A 67 -19.60 3.29 4.49
CA HIS A 67 -18.97 4.24 5.42
C HIS A 67 -17.62 3.71 5.93
N ASP A 68 -17.58 2.42 6.26
CA ASP A 68 -16.35 1.82 6.78
C ASP A 68 -15.31 1.64 5.67
N GLN A 69 -15.75 1.26 4.47
CA GLN A 69 -14.86 1.20 3.32
C GLN A 69 -14.18 2.56 3.09
N VAL A 70 -14.97 3.63 3.12
CA VAL A 70 -14.44 4.99 2.93
C VAL A 70 -13.42 5.33 4.03
N HIS A 71 -13.78 5.04 5.28
CA HIS A 71 -12.87 5.31 6.39
C HIS A 71 -11.55 4.57 6.21
N LEU A 72 -11.61 3.30 5.86
CA LEU A 72 -10.40 2.52 5.67
C LEU A 72 -9.52 3.09 4.57
N LEU A 73 -10.13 3.43 3.43
CA LEU A 73 -9.36 4.01 2.33
C LEU A 73 -8.81 5.38 2.67
N GLU A 74 -9.62 6.20 3.34
CA GLU A 74 -9.17 7.51 3.81
C GLU A 74 -7.91 7.39 4.67
N SER A 75 -7.90 6.40 5.56
CA SER A 75 -6.76 6.19 6.46
C SER A 75 -5.55 5.66 5.72
N ALA A 76 -5.76 4.80 4.73
CA ALA A 76 -4.69 4.01 4.14
C ALA A 76 -4.14 4.48 2.78
N TRP A 77 -4.81 5.40 2.10
CA TRP A 77 -4.52 5.60 0.66
C TRP A 77 -3.06 5.95 0.41
N LEU A 78 -2.48 6.85 1.21
CA LEU A 78 -1.09 7.27 0.99
C LEU A 78 -0.10 6.16 1.33
N GLU A 79 -0.38 5.40 2.39
CA GLU A 79 0.42 4.21 2.70
C GLU A 79 0.42 3.23 1.53
N ILE A 80 -0.75 3.06 0.89
CA ILE A 80 -0.88 2.14 -0.23
C ILE A 80 -0.10 2.63 -1.45
N LEU A 81 -0.19 3.92 -1.76
CA LEU A 81 0.63 4.50 -2.84
C LEU A 81 2.12 4.33 -2.56
N MET A 82 2.51 4.58 -1.31
CA MET A 82 3.91 4.46 -0.91
C MET A 82 4.44 3.03 -0.96
N ILE A 83 3.70 2.05 -0.45
CA ILE A 83 4.18 0.66 -0.52
C ILE A 83 4.27 0.23 -2.01
N GLY A 84 3.33 0.68 -2.83
CA GLY A 84 3.39 0.43 -4.28
C GLY A 84 4.66 1.00 -4.89
N LEU A 85 4.97 2.25 -4.53
CA LEU A 85 6.18 2.93 -5.01
C LEU A 85 7.43 2.18 -4.58
N VAL A 86 7.48 1.79 -3.30
CA VAL A 86 8.66 1.12 -2.78
C VAL A 86 8.87 -0.23 -3.46
N TRP A 87 7.78 -0.95 -3.72
CA TRP A 87 7.84 -2.23 -4.45
C TRP A 87 8.34 -2.04 -5.89
N ARG A 88 7.77 -1.07 -6.60
CA ARG A 88 8.21 -0.73 -7.96
C ARG A 88 9.70 -0.36 -8.02
N SER A 89 10.19 0.25 -6.95
CA SER A 89 11.56 0.77 -6.91
C SER A 89 12.59 -0.26 -6.43
N MET A 90 12.13 -1.43 -6.03
CA MET A 90 12.97 -2.38 -5.29
C MET A 90 14.25 -2.74 -6.04
N GLU A 91 14.11 -3.03 -7.34
CA GLU A 91 15.25 -3.40 -8.19
C GLU A 91 15.90 -2.18 -8.88
N HIS A 92 15.77 -1.00 -8.27
CA HIS A 92 16.38 0.22 -8.79
C HIS A 92 17.06 1.00 -7.66
N PRO A 93 18.20 0.46 -7.17
CA PRO A 93 18.93 1.08 -6.06
C PRO A 93 19.13 2.59 -6.26
N GLY A 94 18.80 3.35 -5.23
CA GLY A 94 19.02 4.80 -5.25
C GLY A 94 18.01 5.62 -6.02
N LYS A 95 16.99 4.97 -6.58
CA LYS A 95 15.97 5.66 -7.35
C LYS A 95 14.57 5.26 -6.94
N LEU A 96 13.63 6.17 -7.16
CA LEU A 96 12.22 5.90 -6.90
C LEU A 96 11.49 5.85 -8.23
N LEU A 97 10.91 4.70 -8.54
CA LEU A 97 10.19 4.49 -9.80
C LEU A 97 8.73 4.89 -9.59
N PHE A 98 8.49 6.20 -9.62
CA PHE A 98 7.13 6.73 -9.52
C PHE A 98 6.30 6.18 -10.68
N ALA A 99 6.89 6.21 -11.87
CA ALA A 99 6.33 5.57 -13.06
C ALA A 99 7.47 5.09 -13.93
N PRO A 100 7.19 4.19 -14.91
CA PRO A 100 8.31 3.73 -15.74
C PRO A 100 9.02 4.84 -16.51
N ASN A 101 8.33 5.96 -16.73
CA ASN A 101 8.89 7.14 -17.40
C ASN A 101 9.17 8.28 -16.42
N LEU A 102 9.25 7.96 -15.13
CA LEU A 102 9.55 8.96 -14.12
C LEU A 102 10.29 8.28 -12.97
N LEU A 103 11.59 8.07 -13.20
CA LEU A 103 12.47 7.42 -12.25
C LEU A 103 13.33 8.52 -11.64
N LEU A 104 13.11 8.82 -10.37
CA LEU A 104 13.75 9.99 -9.73
C LEU A 104 14.72 9.58 -8.63
N ASP A 105 15.88 10.24 -8.61
CA ASP A 105 16.85 10.02 -7.54
C ASP A 105 16.66 11.06 -6.43
N ARG A 106 17.37 10.85 -5.34
CA ARG A 106 17.31 11.72 -4.18
C ARG A 106 17.56 13.20 -4.51
N ASN A 107 18.55 13.46 -5.36
CA ASN A 107 18.89 14.83 -5.75
C ASN A 107 17.71 15.56 -6.39
N GLN A 108 16.95 14.86 -7.21
CA GLN A 108 15.76 15.43 -7.83
C GLN A 108 14.70 15.82 -6.79
N GLY A 109 14.62 15.08 -5.69
CA GLY A 109 13.71 15.41 -4.59
C GLY A 109 13.99 16.74 -3.92
N LYS A 110 15.23 17.20 -3.96
CA LYS A 110 15.64 18.48 -3.34
C LYS A 110 14.98 19.73 -3.98
N SER A 111 14.38 19.57 -5.14
CA SER A 111 13.73 20.69 -5.84
C SER A 111 12.48 21.22 -5.13
N VAL A 112 11.98 20.49 -4.14
CA VAL A 112 10.84 20.93 -3.33
C VAL A 112 11.21 20.85 -1.84
N GLU A 113 10.95 21.93 -1.10
CA GLU A 113 11.29 21.99 0.32
C GLU A 113 10.57 20.91 1.11
N GLY A 114 11.33 20.15 1.90
CA GLY A 114 10.77 19.05 2.71
C GLY A 114 10.65 17.70 2.00
N MET A 115 10.91 17.66 0.69
CA MET A 115 10.67 16.46 -0.08
C MET A 115 11.81 15.45 0.01
N VAL A 116 13.06 15.92 0.05
CA VAL A 116 14.19 14.99 0.05
C VAL A 116 14.16 14.07 1.28
N GLU A 117 13.70 14.58 2.41
CA GLU A 117 13.52 13.78 3.61
C GLU A 117 12.58 12.60 3.36
N ILE A 118 11.48 12.86 2.66
CA ILE A 118 10.51 11.80 2.36
C ILE A 118 11.09 10.82 1.33
N PHE A 119 11.75 11.35 0.31
CA PHE A 119 12.46 10.50 -0.68
C PHE A 119 13.43 9.54 0.03
N ASP A 120 14.20 10.06 0.98
CA ASP A 120 15.19 9.24 1.69
C ASP A 120 14.57 8.09 2.47
N MET A 121 13.41 8.34 3.08
CA MET A 121 12.73 7.30 3.84
C MET A 121 12.18 6.22 2.90
N LEU A 122 11.61 6.64 1.78
CA LEU A 122 11.09 5.70 0.78
C LEU A 122 12.23 4.86 0.20
N LEU A 123 13.34 5.50 -0.14
CA LEU A 123 14.53 4.78 -0.65
C LEU A 123 15.06 3.75 0.35
N ALA A 124 15.10 4.11 1.63
CA ALA A 124 15.50 3.17 2.68
C ALA A 124 14.54 1.98 2.81
N THR A 125 13.24 2.22 2.63
CA THR A 125 12.27 1.13 2.68
C THR A 125 12.49 0.17 1.51
N SER A 126 12.74 0.75 0.34
CA SER A 126 13.03 -0.05 -0.86
C SER A 126 14.29 -0.89 -0.63
N SER A 127 15.29 -0.28 0.00
CA SER A 127 16.51 -0.99 0.41
C SER A 127 16.23 -2.15 1.36
N ARG A 128 15.32 -1.94 2.31
CA ARG A 128 14.94 -2.98 3.26
C ARG A 128 14.23 -4.14 2.55
N PHE A 129 13.31 -3.81 1.64
CA PHE A 129 12.62 -4.80 0.80
C PHE A 129 13.63 -5.64 0.02
N ARG A 130 14.61 -4.98 -0.57
CA ARG A 130 15.67 -5.64 -1.34
C ARG A 130 16.46 -6.61 -0.47
N MET A 131 16.88 -6.15 0.71
CA MET A 131 17.64 -7.01 1.63
C MET A 131 16.85 -8.21 2.16
N MET A 132 15.54 -8.04 2.32
CA MET A 132 14.67 -9.15 2.74
C MET A 132 14.29 -10.07 1.59
N ASN A 133 14.58 -9.64 0.37
CA ASN A 133 14.16 -10.37 -0.82
C ASN A 133 12.64 -10.57 -0.84
N LEU A 134 11.91 -9.47 -0.66
CA LEU A 134 10.45 -9.51 -0.63
C LEU A 134 9.89 -10.05 -1.93
N GLN A 135 8.96 -11.00 -1.81
CA GLN A 135 8.33 -11.63 -2.96
C GLN A 135 7.00 -10.97 -3.26
N GLY A 136 6.61 -10.98 -4.53
CA GLY A 136 5.35 -10.41 -4.98
C GLY A 136 4.15 -10.90 -4.20
N GLU A 137 4.12 -12.18 -3.86
CA GLU A 137 3.00 -12.76 -3.12
C GLU A 137 2.92 -12.19 -1.70
N GLU A 138 4.07 -11.95 -1.09
CA GLU A 138 4.15 -11.30 0.21
C GLU A 138 3.73 -9.84 0.12
N PHE A 139 4.20 -9.14 -0.91
CA PHE A 139 3.85 -7.73 -1.13
C PHE A 139 2.32 -7.52 -1.21
N VAL A 140 1.62 -8.32 -2.01
CA VAL A 140 0.16 -8.16 -2.12
C VAL A 140 -0.54 -8.43 -0.78
N CYS A 141 -0.03 -9.38 0.01
CA CYS A 141 -0.56 -9.62 1.35
C CYS A 141 -0.38 -8.38 2.24
N LEU A 142 0.82 -7.80 2.22
CA LEU A 142 1.11 -6.62 3.02
C LEU A 142 0.26 -5.43 2.64
N LYS A 143 0.06 -5.21 1.35
CA LYS A 143 -0.74 -4.08 0.88
C LYS A 143 -2.20 -4.22 1.33
N SER A 144 -2.71 -5.45 1.30
CA SER A 144 -4.06 -5.72 1.79
C SER A 144 -4.17 -5.54 3.31
N ILE A 145 -3.11 -5.89 4.03
CA ILE A 145 -3.07 -5.71 5.47
C ILE A 145 -3.17 -4.21 5.79
N ILE A 146 -2.42 -3.37 5.07
CA ILE A 146 -2.48 -1.92 5.26
C ILE A 146 -3.91 -1.41 5.09
N LEU A 147 -4.56 -1.83 4.02
CA LEU A 147 -5.93 -1.40 3.75
C LEU A 147 -6.87 -1.71 4.92
N LEU A 148 -6.76 -2.92 5.46
CA LEU A 148 -7.67 -3.39 6.50
C LEU A 148 -7.29 -2.89 7.90
N ASN A 149 -6.00 -2.71 8.14
CA ASN A 149 -5.50 -2.37 9.48
C ASN A 149 -5.40 -0.87 9.79
N SER A 150 -5.10 -0.05 8.79
CA SER A 150 -4.70 1.33 9.10
C SER A 150 -5.80 2.15 9.77
N GLY A 151 -7.04 1.94 9.37
CA GLY A 151 -8.17 2.68 9.92
C GLY A 151 -9.01 1.92 10.94
N VAL A 152 -8.66 0.67 11.22
CA VAL A 152 -9.52 -0.20 12.05
C VAL A 152 -9.55 0.20 13.55
N TYR A 153 -8.55 0.96 14.00
CA TYR A 153 -8.49 1.41 15.39
C TYR A 153 -9.13 2.79 15.60
N THR A 154 -9.57 3.44 14.51
CA THR A 154 -10.13 4.80 14.58
C THR A 154 -11.57 4.93 14.10
N PHE A 155 -12.35 3.85 14.16
CA PHE A 155 -13.79 3.93 13.84
C PHE A 155 -14.54 4.81 14.84
N THR A 159 -21.49 1.10 17.99
CA THR A 159 -22.72 0.45 17.51
C THR A 159 -22.47 -1.04 17.33
N LEU A 160 -23.53 -1.84 17.42
CA LEU A 160 -23.44 -3.27 17.18
C LEU A 160 -22.83 -3.56 15.81
N LYS A 161 -23.22 -2.78 14.80
CA LYS A 161 -22.70 -2.99 13.46
C LYS A 161 -21.20 -2.71 13.41
N SER A 162 -20.74 -1.66 14.08
CA SER A 162 -19.31 -1.36 14.17
C SER A 162 -18.53 -2.51 14.82
N LEU A 163 -19.10 -3.10 15.87
CA LEU A 163 -18.44 -4.24 16.54
C LEU A 163 -18.32 -5.42 15.57
N GLU A 164 -19.37 -5.68 14.80
CA GLU A 164 -19.36 -6.74 13.79
C GLU A 164 -18.35 -6.45 12.67
N GLU A 165 -18.26 -5.19 12.27
CA GLU A 165 -17.32 -4.77 11.22
C GLU A 165 -15.89 -5.00 11.69
N LYS A 166 -15.56 -4.52 12.89
CA LYS A 166 -14.21 -4.69 13.42
C LYS A 166 -13.85 -6.17 13.57
N ASP A 167 -14.80 -6.97 14.06
CA ASP A 167 -14.59 -8.40 14.17
C ASP A 167 -14.26 -9.02 12.81
N HIS A 168 -15.05 -8.67 11.79
CA HIS A 168 -14.82 -9.19 10.45
C HIS A 168 -13.43 -8.81 9.95
N ILE A 169 -13.07 -7.54 10.13
CA ILE A 169 -11.76 -7.05 9.69
C ILE A 169 -10.62 -7.85 10.32
N HIS A 170 -10.72 -8.13 11.63
N HIS A 170 -10.70 -8.13 11.62
CA HIS A 170 -9.67 -8.90 12.34
CA HIS A 170 -9.63 -8.87 12.27
C HIS A 170 -9.61 -10.33 11.82
C HIS A 170 -9.62 -10.35 11.85
N ARG A 171 -10.78 -10.91 11.54
CA ARG A 171 -10.86 -12.25 10.96
C ARG A 171 -10.22 -12.32 9.57
N VAL A 172 -10.44 -11.30 8.74
CA VAL A 172 -9.81 -11.26 7.41
C VAL A 172 -8.30 -11.07 7.57
N LEU A 173 -7.90 -10.18 8.48
CA LEU A 173 -6.48 -9.99 8.75
C LEU A 173 -5.81 -11.29 9.22
N ASP A 174 -6.49 -12.05 10.07
CA ASP A 174 -6.00 -13.37 10.50
C ASP A 174 -5.81 -14.32 9.32
N LYS A 175 -6.73 -14.26 8.36
CA LYS A 175 -6.61 -15.10 7.15
C LYS A 175 -5.37 -14.69 6.35
N ILE A 176 -5.12 -13.39 6.23
CA ILE A 176 -3.95 -12.91 5.51
C ILE A 176 -2.65 -13.31 6.24
N THR A 177 -2.68 -13.30 7.57
CA THR A 177 -1.54 -13.79 8.37
C THR A 177 -1.26 -15.26 8.05
N ASP A 178 -2.31 -16.08 8.11
CA ASP A 178 -2.25 -17.51 7.74
C ASP A 178 -1.64 -17.68 6.36
N THR A 179 -2.06 -16.82 5.43
CA THR A 179 -1.61 -16.86 4.04
C THR A 179 -0.11 -16.56 3.94
N LEU A 180 0.32 -15.50 4.60
CA LEU A 180 1.75 -15.13 4.62
C LEU A 180 2.59 -16.28 5.13
N ILE A 181 2.20 -16.84 6.27
CA ILE A 181 2.88 -17.99 6.86
C ILE A 181 2.89 -19.17 5.87
N HIS A 182 1.76 -19.43 5.23
CA HIS A 182 1.68 -20.50 4.24
C HIS A 182 2.67 -20.30 3.08
N LEU A 183 2.78 -19.06 2.60
CA LEU A 183 3.75 -18.72 1.55
C LEU A 183 5.19 -18.98 1.99
N MET A 184 5.48 -18.69 3.26
CA MET A 184 6.83 -18.88 3.81
C MET A 184 7.12 -20.36 4.05
N ALA A 185 6.10 -21.11 4.46
CA ALA A 185 6.23 -22.56 4.65
C ALA A 185 6.49 -23.25 3.30
N LYS A 186 5.76 -22.83 2.27
CA LYS A 186 5.93 -23.38 0.92
C LYS A 186 7.30 -23.06 0.33
N ALA A 187 7.85 -21.91 0.70
CA ALA A 187 9.20 -21.51 0.25
C ALA A 187 10.31 -22.25 1.01
N GLY A 188 9.94 -23.01 2.03
CA GLY A 188 10.86 -23.92 2.71
C GLY A 188 11.47 -23.39 3.99
N LEU A 189 10.99 -22.25 4.48
CA LEU A 189 11.51 -21.68 5.73
C LEU A 189 11.10 -22.54 6.93
N THR A 190 11.95 -22.57 7.95
CA THR A 190 11.64 -23.28 9.18
C THR A 190 10.55 -22.52 9.95
N LEU A 191 9.92 -23.18 10.90
CA LEU A 191 8.89 -22.54 11.73
C LEU A 191 9.43 -21.27 12.39
N GLN A 192 10.66 -21.33 12.90
CA GLN A 192 11.31 -20.16 13.50
C GLN A 192 11.46 -19.02 12.50
N GLN A 193 11.99 -19.34 11.31
CA GLN A 193 12.17 -18.35 10.26
C GLN A 193 10.84 -17.76 9.80
N GLN A 194 9.80 -18.58 9.79
CA GLN A 194 8.47 -18.11 9.40
C GLN A 194 7.99 -16.99 10.32
N HIS A 195 8.02 -17.23 11.63
N HIS A 195 8.02 -17.21 11.63
CA HIS A 195 7.58 -16.23 12.60
CA HIS A 195 7.53 -16.18 12.55
C HIS A 195 8.46 -14.98 12.52
C HIS A 195 8.48 -14.97 12.62
N GLN A 196 9.77 -15.20 12.40
CA GLN A 196 10.73 -14.10 12.33
C GLN A 196 10.49 -13.21 11.12
N ARG A 197 10.26 -13.83 9.95
CA ARG A 197 10.02 -13.07 8.73
C ARG A 197 8.66 -12.36 8.78
N LEU A 198 7.64 -13.04 9.30
CA LEU A 198 6.34 -12.42 9.49
C LEU A 198 6.50 -11.13 10.28
N ALA A 199 7.22 -11.22 11.40
CA ALA A 199 7.44 -10.05 12.26
C ALA A 199 8.20 -8.94 11.53
N GLN A 200 9.28 -9.31 10.83
CA GLN A 200 10.06 -8.35 10.07
C GLN A 200 9.19 -7.61 9.05
N LEU A 201 8.34 -8.35 8.35
CA LEU A 201 7.47 -7.73 7.35
C LEU A 201 6.44 -6.78 7.99
N LEU A 202 5.83 -7.21 9.09
CA LEU A 202 4.81 -6.39 9.73
C LEU A 202 5.41 -5.16 10.38
N LEU A 203 6.65 -5.26 10.86
CA LEU A 203 7.32 -4.13 11.46
C LEU A 203 7.65 -3.04 10.44
N ILE A 204 7.88 -3.42 9.18
CA ILE A 204 8.07 -2.43 8.14
C ILE A 204 6.80 -1.59 7.96
N LEU A 205 5.64 -2.18 8.16
CA LEU A 205 4.38 -1.42 8.04
C LEU A 205 4.29 -0.24 9.00
N SER A 206 4.92 -0.33 10.18
CA SER A 206 5.00 0.82 11.09
C SER A 206 5.77 1.96 10.46
N HIS A 207 6.85 1.64 9.75
CA HIS A 207 7.61 2.65 9.06
C HIS A 207 6.82 3.27 7.89
N ILE A 208 6.05 2.45 7.18
CA ILE A 208 5.21 2.96 6.09
C ILE A 208 4.13 3.91 6.63
N ARG A 209 3.58 3.60 7.79
CA ARG A 209 2.64 4.52 8.46
C ARG A 209 3.34 5.84 8.75
N HIS A 210 4.54 5.76 9.30
CA HIS A 210 5.33 6.95 9.61
C HIS A 210 5.55 7.80 8.35
N MET A 211 5.96 7.14 7.27
CA MET A 211 6.16 7.86 6.01
C MET A 211 4.90 8.53 5.51
N SER A 212 3.77 7.83 5.58
CA SER A 212 2.49 8.41 5.19
C SER A 212 2.16 9.64 6.03
N ASN A 213 2.35 9.56 7.36
CA ASN A 213 2.09 10.72 8.21
C ASN A 213 2.96 11.91 7.84
N LYS A 214 4.24 11.66 7.62
CA LYS A 214 5.13 12.72 7.19
C LYS A 214 4.68 13.29 5.83
N GLY A 215 4.26 12.42 4.92
CA GLY A 215 3.75 12.85 3.62
C GLY A 215 2.48 13.68 3.70
N MET A 216 1.53 13.25 4.53
CA MET A 216 0.28 13.99 4.71
C MET A 216 0.55 15.39 5.28
N GLU A 217 1.52 15.50 6.17
CA GLU A 217 1.94 16.80 6.70
C GLU A 217 2.40 17.71 5.59
N HIS A 218 3.16 17.16 4.65
CA HIS A 218 3.61 17.91 3.47
C HIS A 218 2.41 18.39 2.63
N LEU A 219 1.51 17.48 2.32
CA LEU A 219 0.34 17.80 1.49
C LEU A 219 -0.60 18.81 2.16
N TYR A 220 -0.85 18.62 3.46
CA TYR A 220 -1.71 19.55 4.21
C TYR A 220 -1.09 20.93 4.35
N SER A 221 0.24 21.01 4.33
CA SER A 221 0.93 22.30 4.37
C SER A 221 0.72 23.11 3.08
N MET A 222 0.37 22.43 1.98
CA MET A 222 -0.01 23.11 0.74
C MET A 222 -1.36 23.78 0.92
N VAL A 228 -5.40 16.33 -1.55
CA VAL A 228 -5.84 15.24 -0.67
C VAL A 228 -7.30 14.91 -0.99
N PRO A 229 -7.61 13.63 -1.29
CA PRO A 229 -8.98 13.28 -1.64
C PRO A 229 -9.93 13.37 -0.45
N SER A 230 -10.99 14.16 -0.60
CA SER A 230 -11.95 14.36 0.49
C SER A 230 -12.77 13.10 0.76
N TYR A 231 -13.44 13.08 1.91
CA TYR A 231 -14.39 12.02 2.25
C TYR A 231 -15.45 11.90 1.15
N ASP A 232 -15.92 13.06 0.67
CA ASP A 232 -16.95 13.13 -0.37
C ASP A 232 -16.51 12.51 -1.69
N LEU A 233 -15.29 12.83 -2.14
CA LEU A 233 -14.75 12.25 -3.37
C LEU A 233 -14.58 10.74 -3.22
N LEU A 234 -14.02 10.30 -2.10
CA LEU A 234 -13.84 8.87 -1.85
C LEU A 234 -15.19 8.17 -1.79
N LEU A 235 -16.12 8.78 -1.08
CA LEU A 235 -17.49 8.28 -0.97
C LEU A 235 -18.14 8.18 -2.35
N GLU A 236 -18.08 9.26 -3.12
CA GLU A 236 -18.57 9.29 -4.50
C GLU A 236 -17.96 8.18 -5.36
N MET A 237 -16.66 7.98 -5.25
CA MET A 237 -15.98 6.96 -6.05
C MET A 237 -16.32 5.56 -5.61
N LEU A 238 -16.42 5.35 -4.30
CA LEU A 238 -16.76 4.05 -3.74
C LEU A 238 -18.25 3.69 -3.83
N ASP A 239 -19.12 4.71 -3.87
CA ASP A 239 -20.58 4.49 -3.91
C ASP A 239 -21.08 4.28 -5.34
C1 QHG B . 5.16 13.94 -0.24
C2 QHG B . 4.52 12.63 -0.65
C3 QHG B . 3.04 12.72 -0.37
C4 QHG B . 4.80 12.40 -2.14
N5 QHG B . 4.21 11.11 -2.58
C6 QHG B . 5.13 9.95 -2.40
C7 QHG B . 4.35 8.69 -2.62
C8 QHG B . 3.72 8.71 -4.00
C9 QHG B . 3.47 7.51 -4.62
C10 QHG B . 2.87 7.52 -5.87
C11 QHG B . 2.55 8.69 -6.50
C12 QHG B . 2.81 9.88 -5.88
C13 QHG B . 3.39 9.90 -4.62
C14 QHG B . 3.64 11.23 -3.97
C15 QHG B . 2.38 12.05 -3.91
C16 QHG B . 1.22 11.54 -3.37
C17 QHG B . 0.07 12.30 -3.32
C18 QHG B . 0.08 13.60 -3.80
C19 QHG B . 1.23 14.11 -4.34
C20 QHG B . 2.38 13.34 -4.39
C21 QHG B . -1.11 14.47 -3.78
C22 QHG B . -2.33 13.94 -3.91
C23 QHG B . -3.44 14.98 -3.86
O24 QHG B . -4.59 14.49 -4.07
O25 QHG B . -3.12 16.19 -3.61
O26 QHG B . 2.61 6.32 -6.49
#